data_8PKD
#
_entry.id   8PKD
#
_cell.length_a   1.00
_cell.length_b   1.00
_cell.length_c   1.00
_cell.angle_alpha   90.00
_cell.angle_beta   90.00
_cell.angle_gamma   90.00
#
_symmetry.space_group_name_H-M   'P 1'
#
loop_
_entity.id
_entity.type
_entity.pdbx_description
1 polymer 'Cellulose synthase operon protein D'
2 water water
#
_entity_poly.entity_id   1
_entity_poly.type   'polypeptide(L)'
_entity_poly.pdbx_seq_one_letter_code
;MGSMENPLFDYYRNRQAPLQWRGALGALAQSLTNHFSPEQLRTLLREAGQHFASQHPVQAAETVQSMQDAMNGVWTTQDW
GWVDIHDLDSFLTLTHYAAPLESAFGAQNLAWSAAFLEGVYEQWFRQLGASDALHVRQSEESDVRKAIVLRLGR
;
_entity_poly.pdbx_strand_id   A,B,C,D
#
# COMPACT_ATOMS: atom_id res chain seq x y z
N GLU A 5 -19.45 -9.04 -11.50
CA GLU A 5 -19.52 -8.54 -12.88
C GLU A 5 -19.30 -7.04 -12.88
N ASN A 6 -20.38 -6.26 -12.97
CA ASN A 6 -20.25 -4.81 -12.83
C ASN A 6 -19.81 -4.39 -11.44
N PRO A 7 -20.43 -4.85 -10.34
CA PRO A 7 -19.98 -4.40 -9.02
C PRO A 7 -18.54 -4.77 -8.71
N LEU A 8 -18.10 -5.96 -9.12
CA LEU A 8 -16.72 -6.38 -8.85
C LEU A 8 -15.73 -5.53 -9.63
N PHE A 9 -16.03 -5.24 -10.89
CA PHE A 9 -15.18 -4.36 -11.69
C PHE A 9 -15.13 -2.96 -11.09
N ASP A 10 -16.27 -2.45 -10.64
CA ASP A 10 -16.31 -1.14 -10.01
C ASP A 10 -15.48 -1.11 -8.75
N TYR A 11 -15.58 -2.15 -7.92
CA TYR A 11 -14.80 -2.20 -6.69
C TYR A 11 -13.30 -2.26 -7.00
N TYR A 12 -12.91 -3.06 -7.98
CA TYR A 12 -11.50 -3.14 -8.33
C TYR A 12 -10.99 -1.82 -8.85
N ARG A 13 -11.78 -1.12 -9.67
CA ARG A 13 -11.35 0.16 -10.21
C ARG A 13 -11.25 1.21 -9.11
N ASN A 14 -12.21 1.24 -8.18
CA ASN A 14 -12.23 2.28 -7.16
C ASN A 14 -11.20 2.08 -6.06
N ARG A 15 -10.80 0.84 -5.78
CA ARG A 15 -9.93 0.54 -4.65
C ARG A 15 -8.51 0.21 -5.07
N GLN A 16 -8.12 0.56 -6.30
CA GLN A 16 -6.77 0.24 -6.75
C GLN A 16 -5.73 1.07 -6.00
N ALA A 17 -6.05 2.33 -5.72
CA ALA A 17 -5.19 3.14 -4.89
C ALA A 17 -5.35 2.77 -3.42
N PRO A 18 -4.30 2.90 -2.62
CA PRO A 18 -4.37 2.46 -1.22
C PRO A 18 -5.20 3.41 -0.36
N LEU A 19 -5.51 2.94 0.84
CA LEU A 19 -6.28 3.74 1.79
C LEU A 19 -5.53 4.99 2.22
N GLN A 20 -4.19 4.95 2.19
CA GLN A 20 -3.40 6.06 2.70
C GLN A 20 -3.59 7.32 1.86
N TRP A 21 -3.88 7.18 0.57
CA TRP A 21 -3.84 8.31 -0.33
C TRP A 21 -5.11 8.56 -1.10
N ARG A 22 -6.12 7.69 -1.00
CA ARG A 22 -7.32 7.85 -1.82
C ARG A 22 -8.04 9.16 -1.48
N GLY A 23 -8.30 9.39 -0.20
CA GLY A 23 -9.00 10.61 0.20
C GLY A 23 -8.18 11.87 -0.06
N ALA A 24 -6.89 11.82 0.24
CA ALA A 24 -6.04 12.98 0.02
C ALA A 24 -5.98 13.35 -1.45
N LEU A 25 -5.80 12.37 -2.33
CA LEU A 25 -5.74 12.65 -3.75
C LEU A 25 -7.09 13.09 -4.29
N GLY A 26 -8.19 12.54 -3.76
CA GLY A 26 -9.50 13.03 -4.16
C GLY A 26 -9.72 14.48 -3.78
N ALA A 27 -9.29 14.86 -2.58
CA ALA A 27 -9.40 16.25 -2.16
C ALA A 27 -8.53 17.16 -3.02
N LEU A 28 -7.32 16.71 -3.35
CA LEU A 28 -6.45 17.50 -4.21
C LEU A 28 -7.07 17.68 -5.59
N ALA A 29 -7.66 16.62 -6.12
CA ALA A 29 -8.34 16.72 -7.41
C ALA A 29 -9.52 17.68 -7.34
N GLN A 30 -10.27 17.65 -6.24
CA GLN A 30 -11.38 18.57 -6.08
C GLN A 30 -10.89 20.01 -6.09
N SER A 31 -9.81 20.30 -5.35
CA SER A 31 -9.28 21.66 -5.33
C SER A 31 -8.79 22.08 -6.70
N LEU A 32 -8.10 21.18 -7.40
CA LEU A 32 -7.62 21.49 -8.75
C LEU A 32 -8.77 21.79 -9.69
N THR A 33 -9.86 21.02 -9.60
CA THR A 33 -11.02 21.28 -10.43
C THR A 33 -11.67 22.61 -10.09
N ASN A 34 -11.70 22.98 -8.81
CA ASN A 34 -12.27 24.27 -8.43
C ASN A 34 -11.45 25.42 -9.01
N HIS A 35 -10.12 25.31 -8.97
CA HIS A 35 -9.32 26.45 -9.41
C HIS A 35 -9.10 26.50 -10.92
N PHE A 36 -8.86 25.37 -11.56
CA PHE A 36 -8.45 25.37 -12.96
C PHE A 36 -9.45 24.64 -13.84
N SER A 37 -9.43 25.00 -15.13
CA SER A 37 -10.23 24.36 -16.15
C SER A 37 -9.62 23.02 -16.55
N PRO A 38 -10.41 22.15 -17.19
CA PRO A 38 -9.86 20.83 -17.59
C PRO A 38 -8.66 20.91 -18.52
N GLU A 39 -8.58 21.92 -19.39
CA GLU A 39 -7.44 22.00 -20.31
C GLU A 39 -6.15 22.33 -19.57
N GLN A 40 -6.21 23.26 -18.62
CA GLN A 40 -5.04 23.58 -17.83
C GLN A 40 -4.60 22.37 -17.00
N LEU A 41 -5.55 21.62 -16.45
CA LEU A 41 -5.22 20.42 -15.72
C LEU A 41 -4.59 19.37 -16.64
N ARG A 42 -5.06 19.28 -17.88
CA ARG A 42 -4.46 18.36 -18.84
C ARG A 42 -3.01 18.74 -19.11
N THR A 43 -2.75 20.03 -19.29
CA THR A 43 -1.37 20.48 -19.50
C THR A 43 -0.50 20.16 -18.28
N LEU A 44 -1.02 20.43 -17.09
CA LEU A 44 -0.27 20.16 -15.86
C LEU A 44 0.07 18.68 -15.74
N LEU A 45 -0.91 17.81 -15.98
CA LEU A 45 -0.66 16.38 -15.84
C LEU A 45 0.21 15.85 -16.97
N ARG A 46 0.15 16.45 -18.15
CA ARG A 46 1.06 16.05 -19.22
C ARG A 46 2.50 16.37 -18.85
N GLU A 47 2.74 17.55 -18.29
CA GLU A 47 4.10 17.88 -17.84
C GLU A 47 4.52 16.95 -16.70
N ALA A 48 3.60 16.61 -15.80
CA ALA A 48 3.92 15.67 -14.75
C ALA A 48 4.31 14.31 -15.34
N GLY A 49 3.59 13.85 -16.36
CA GLY A 49 3.94 12.60 -17.00
C GLY A 49 5.29 12.65 -17.68
N GLN A 50 5.62 13.78 -18.30
CA GLN A 50 6.94 13.94 -18.89
C GLN A 50 8.03 13.82 -17.84
N HIS A 51 7.83 14.48 -16.68
CA HIS A 51 8.81 14.37 -15.61
C HIS A 51 8.93 12.95 -15.09
N PHE A 52 7.79 12.26 -14.96
CA PHE A 52 7.81 10.88 -14.50
C PHE A 52 8.58 9.98 -15.47
N ALA A 53 8.37 10.17 -16.78
CA ALA A 53 9.09 9.39 -17.76
C ALA A 53 10.58 9.72 -17.75
N SER A 54 10.92 10.98 -17.49
CA SER A 54 12.33 11.35 -17.38
C SER A 54 12.98 10.66 -16.18
N GLN A 55 12.27 10.56 -15.06
CA GLN A 55 12.85 9.93 -13.87
C GLN A 55 12.93 8.41 -14.03
N HIS A 56 12.13 7.83 -14.91
CA HIS A 56 12.09 6.38 -15.12
C HIS A 56 12.28 6.09 -16.60
N PRO A 57 13.52 6.12 -17.08
CA PRO A 57 13.76 5.90 -18.50
C PRO A 57 13.53 4.45 -18.90
N VAL A 58 13.27 4.26 -20.19
CA VAL A 58 13.07 2.92 -20.74
C VAL A 58 14.35 2.45 -21.43
N GLN A 59 14.55 1.14 -21.43
CA GLN A 59 15.71 0.57 -22.09
C GLN A 59 15.57 0.71 -23.61
N ALA A 60 16.71 0.83 -24.28
CA ALA A 60 16.72 0.98 -25.73
C ALA A 60 16.09 -0.25 -26.40
N ALA A 61 15.20 0.01 -27.35
CA ALA A 61 14.52 -1.02 -28.10
C ALA A 61 14.60 -0.70 -29.59
N GLU A 62 14.25 -1.67 -30.43
CA GLU A 62 14.27 -1.46 -31.87
C GLU A 62 12.94 -1.83 -32.50
N THR A 63 12.28 -2.85 -31.98
CA THR A 63 11.00 -3.32 -32.51
C THR A 63 9.85 -2.86 -31.63
N VAL A 64 8.64 -3.04 -32.15
CA VAL A 64 7.44 -2.62 -31.40
C VAL A 64 7.28 -3.46 -30.15
N GLN A 65 7.44 -4.77 -30.27
CA GLN A 65 7.30 -5.65 -29.12
C GLN A 65 8.33 -5.34 -28.05
N SER A 66 9.56 -5.01 -28.45
CA SER A 66 10.59 -4.66 -27.49
C SER A 66 10.24 -3.38 -26.75
N MET A 67 9.72 -2.38 -27.46
CA MET A 67 9.30 -1.15 -26.80
C MET A 67 8.18 -1.41 -25.82
N GLN A 68 7.20 -2.24 -26.21
CA GLN A 68 6.11 -2.58 -25.30
C GLN A 68 6.65 -3.30 -24.07
N ASP A 69 7.60 -4.21 -24.26
CA ASP A 69 8.18 -4.92 -23.14
C ASP A 69 8.90 -3.98 -22.19
N ALA A 70 9.65 -3.01 -22.74
CA ALA A 70 10.35 -2.05 -21.88
C ALA A 70 9.37 -1.19 -21.09
N MET A 71 8.34 -0.69 -21.77
CA MET A 71 7.35 0.14 -21.07
C MET A 71 6.63 -0.65 -19.99
N ASN A 72 6.25 -1.89 -20.30
CA ASN A 72 5.59 -2.72 -19.30
C ASN A 72 6.53 -3.07 -18.15
N GLY A 73 7.82 -3.21 -18.44
CA GLY A 73 8.77 -3.45 -17.36
C GLY A 73 8.89 -2.28 -16.42
N VAL A 74 8.84 -1.06 -16.97
CA VAL A 74 8.81 0.12 -16.12
C VAL A 74 7.51 0.16 -15.32
N TRP A 75 6.39 -0.14 -15.96
CA TRP A 75 5.09 -0.04 -15.28
C TRP A 75 4.96 -1.07 -14.16
N THR A 76 5.43 -2.30 -14.39
CA THR A 76 5.17 -3.39 -13.47
C THR A 76 5.88 -3.23 -12.13
N THR A 77 6.86 -2.33 -12.05
CA THR A 77 7.54 -2.07 -10.79
C THR A 77 6.78 -1.09 -9.91
N GLN A 78 5.66 -0.57 -10.37
CA GLN A 78 4.88 0.40 -9.61
C GLN A 78 3.38 0.09 -9.61
N ASP A 79 2.98 -1.05 -10.15
CA ASP A 79 1.58 -1.47 -10.17
C ASP A 79 0.70 -0.43 -10.87
N TRP A 80 0.98 -0.20 -12.15
CA TRP A 80 0.29 0.80 -12.94
C TRP A 80 -0.28 0.22 -14.24
N GLY A 81 -0.76 -1.01 -14.20
CA GLY A 81 -1.38 -1.61 -15.37
C GLY A 81 -0.34 -2.04 -16.40
N TRP A 82 -0.78 -2.13 -17.65
CA TRP A 82 0.12 -2.54 -18.73
C TRP A 82 -0.37 -1.95 -20.04
N VAL A 83 0.54 -1.87 -21.00
CA VAL A 83 0.29 -1.25 -22.29
C VAL A 83 0.45 -2.27 -23.39
N ASP A 84 -0.45 -2.21 -24.38
CA ASP A 84 -0.36 -3.01 -25.58
C ASP A 84 -0.24 -2.08 -26.78
N ILE A 85 0.75 -2.34 -27.63
CA ILE A 85 1.05 -1.50 -28.78
C ILE A 85 0.71 -2.26 -30.05
N HIS A 86 -0.09 -1.63 -30.91
CA HIS A 86 -0.46 -2.20 -32.20
C HIS A 86 -0.04 -1.24 -33.31
N ASP A 87 0.64 -1.76 -34.33
CA ASP A 87 1.12 -0.95 -35.44
C ASP A 87 0.11 -1.07 -36.58
N LEU A 88 -0.85 -0.13 -36.61
CA LEU A 88 -1.87 -0.11 -37.65
C LEU A 88 -1.36 0.75 -38.80
N ASP A 89 -1.06 0.10 -39.93
CA ASP A 89 -0.54 0.78 -41.10
C ASP A 89 0.70 1.61 -40.77
N SER A 90 0.50 2.91 -40.54
CA SER A 90 1.60 3.82 -40.25
C SER A 90 1.64 4.31 -38.82
N PHE A 91 0.53 4.22 -38.09
CA PHE A 91 0.44 4.80 -36.76
C PHE A 91 0.40 3.72 -35.68
N LEU A 92 0.97 4.05 -34.54
CA LEU A 92 0.97 3.16 -33.38
C LEU A 92 -0.18 3.53 -32.45
N THR A 93 -0.95 2.53 -32.05
CA THR A 93 -2.03 2.68 -31.09
C THR A 93 -1.63 2.00 -29.80
N LEU A 94 -1.67 2.74 -28.71
CA LEU A 94 -1.29 2.26 -27.38
C LEU A 94 -2.54 2.16 -26.53
N THR A 95 -2.82 0.97 -26.03
CA THR A 95 -3.94 0.74 -25.13
C THR A 95 -3.40 0.44 -23.75
N HIS A 96 -3.75 1.28 -22.78
CA HIS A 96 -3.30 1.13 -21.41
C HIS A 96 -4.45 0.61 -20.56
N TYR A 97 -4.18 -0.47 -19.82
CA TYR A 97 -5.15 -1.10 -18.95
C TYR A 97 -4.71 -0.98 -17.50
N ALA A 98 -5.68 -0.79 -16.61
CA ALA A 98 -5.49 -0.79 -15.16
C ALA A 98 -4.63 0.37 -14.69
N ALA A 99 -4.89 1.55 -15.23
CA ALA A 99 -4.27 2.76 -14.71
C ALA A 99 -4.95 3.15 -13.40
N PRO A 100 -4.20 3.38 -12.33
CA PRO A 100 -4.84 3.67 -11.03
C PRO A 100 -5.29 5.11 -10.90
N LEU A 101 -5.37 5.84 -12.01
CA LEU A 101 -5.77 7.24 -11.96
C LEU A 101 -7.21 7.39 -11.49
N GLU A 102 -8.10 6.50 -11.92
CA GLU A 102 -9.50 6.60 -11.55
C GLU A 102 -9.70 6.40 -10.05
N SER A 103 -8.97 5.46 -9.46
CA SER A 103 -9.10 5.20 -8.03
C SER A 103 -8.65 6.40 -7.21
N ALA A 104 -7.64 7.14 -7.71
CA ALA A 104 -7.11 8.26 -6.95
C ALA A 104 -7.93 9.52 -7.15
N PHE A 105 -8.04 9.99 -8.39
CA PHE A 105 -8.66 11.27 -8.67
C PHE A 105 -10.14 11.18 -8.99
N GLY A 106 -10.72 10.00 -8.97
CA GLY A 106 -12.13 9.86 -9.26
C GLY A 106 -12.38 9.62 -10.73
N ALA A 107 -13.49 8.93 -11.03
CA ALA A 107 -13.82 8.61 -12.41
C ALA A 107 -14.12 9.88 -13.22
N GLN A 108 -14.88 10.80 -12.63
CA GLN A 108 -15.29 12.00 -13.36
C GLN A 108 -14.11 12.89 -13.74
N ASN A 109 -12.95 12.69 -13.13
CA ASN A 109 -11.76 13.46 -13.45
C ASN A 109 -10.90 12.80 -14.52
N LEU A 110 -11.28 11.61 -15.00
CA LEU A 110 -10.51 10.96 -16.04
C LEU A 110 -10.44 11.78 -17.32
N ALA A 111 -11.31 12.77 -17.47
CA ALA A 111 -11.23 13.66 -18.62
C ALA A 111 -9.90 14.40 -18.67
N TRP A 112 -9.23 14.57 -17.54
CA TRP A 112 -7.92 15.21 -17.53
C TRP A 112 -6.82 14.37 -16.92
N SER A 113 -7.12 13.54 -15.92
CA SER A 113 -6.07 12.75 -15.27
C SER A 113 -5.38 11.82 -16.27
N ALA A 114 -6.13 11.29 -17.25
CA ALA A 114 -5.55 10.40 -18.23
C ALA A 114 -4.45 11.08 -19.03
N ALA A 115 -4.46 12.42 -19.10
CA ALA A 115 -3.40 13.14 -19.79
C ALA A 115 -2.03 12.80 -19.22
N PHE A 116 -1.98 12.40 -17.95
CA PHE A 116 -0.72 11.96 -17.35
C PHE A 116 -0.06 10.90 -18.20
N LEU A 117 -0.82 9.88 -18.60
CA LEU A 117 -0.25 8.84 -19.46
C LEU A 117 0.21 9.43 -20.79
N GLU A 118 -0.57 10.37 -21.33
CA GLU A 118 -0.18 11.03 -22.58
C GLU A 118 1.17 11.74 -22.42
N GLY A 119 1.47 12.20 -21.20
CA GLY A 119 2.75 12.83 -20.97
C GLY A 119 3.89 11.84 -20.85
N VAL A 120 3.60 10.62 -20.43
CA VAL A 120 4.66 9.64 -20.21
C VAL A 120 5.15 9.07 -21.53
N TYR A 121 4.26 8.40 -22.26
CA TYR A 121 4.65 7.69 -23.47
C TYR A 121 5.37 8.62 -24.43
N GLU A 122 4.84 9.83 -24.63
CA GLU A 122 5.49 10.84 -25.43
C GLU A 122 6.98 10.93 -25.11
N GLN A 123 7.30 11.25 -23.87
CA GLN A 123 8.70 11.37 -23.47
C GLN A 123 9.44 10.07 -23.71
N TRP A 124 8.80 8.93 -23.41
CA TRP A 124 9.45 7.65 -23.64
C TRP A 124 9.80 7.48 -25.10
N PHE A 125 8.89 7.87 -26.00
CA PHE A 125 9.18 7.78 -27.41
C PHE A 125 10.33 8.71 -27.79
N ARG A 126 10.38 9.88 -27.15
CA ARG A 126 11.52 10.78 -27.37
C ARG A 126 12.83 10.14 -26.97
N GLN A 127 12.79 9.21 -26.00
CA GLN A 127 13.99 8.50 -25.59
C GLN A 127 14.33 7.34 -26.50
N LEU A 128 13.41 6.92 -27.36
CA LEU A 128 13.64 5.79 -28.26
C LEU A 128 13.91 6.23 -29.69
N GLY A 129 14.25 7.49 -29.90
CA GLY A 129 14.59 7.96 -31.23
C GLY A 129 13.42 8.31 -32.11
N ALA A 130 12.22 8.44 -31.54
CA ALA A 130 11.06 8.83 -32.34
C ALA A 130 11.21 10.25 -32.86
N SER A 131 10.78 10.46 -34.10
CA SER A 131 10.91 11.77 -34.72
C SER A 131 10.07 12.80 -33.96
N ASP A 132 10.57 14.04 -33.95
CA ASP A 132 9.86 15.11 -33.24
C ASP A 132 8.53 15.43 -33.90
N ALA A 133 8.36 15.05 -35.17
CA ALA A 133 7.09 15.28 -35.84
C ALA A 133 5.97 14.43 -35.25
N LEU A 134 6.29 13.36 -34.53
CA LEU A 134 5.30 12.47 -33.94
C LEU A 134 4.93 12.96 -32.55
N HIS A 135 3.63 12.94 -32.26
CA HIS A 135 3.11 13.30 -30.95
C HIS A 135 2.08 12.27 -30.51
N VAL A 136 1.92 12.14 -29.19
CA VAL A 136 0.97 11.21 -28.60
C VAL A 136 -0.27 12.00 -28.22
N ARG A 137 -1.43 11.56 -28.72
CA ARG A 137 -2.70 12.23 -28.45
C ARG A 137 -3.72 11.20 -28.01
N GLN A 138 -4.55 11.57 -27.04
CA GLN A 138 -5.58 10.67 -26.54
C GLN A 138 -6.79 10.74 -27.45
N SER A 139 -7.28 9.58 -27.89
CA SER A 139 -8.44 9.50 -28.77
C SER A 139 -9.68 9.26 -27.93
N GLU A 140 -10.66 10.18 -28.02
CA GLU A 140 -11.91 10.06 -27.28
C GLU A 140 -12.92 9.28 -28.10
N GLU A 141 -12.69 7.97 -28.17
CA GLU A 141 -13.55 7.07 -28.93
C GLU A 141 -14.12 5.94 -28.10
N SER A 142 -13.33 5.36 -27.21
CA SER A 142 -13.78 4.24 -26.40
C SER A 142 -14.03 4.70 -24.96
N ASP A 143 -14.49 3.76 -24.14
CA ASP A 143 -14.74 4.05 -22.73
C ASP A 143 -13.41 4.26 -22.01
N VAL A 144 -13.27 5.39 -21.33
CA VAL A 144 -12.03 5.68 -20.62
C VAL A 144 -11.84 4.72 -19.46
N ARG A 145 -12.93 4.31 -18.81
CA ARG A 145 -12.83 3.44 -17.64
C ARG A 145 -12.25 2.08 -18.02
N LYS A 146 -12.68 1.51 -19.14
CA LYS A 146 -12.19 0.19 -19.54
C LYS A 146 -10.71 0.23 -19.89
N ALA A 147 -10.31 1.17 -20.75
CA ALA A 147 -8.92 1.30 -21.15
C ALA A 147 -8.72 2.70 -21.69
N ILE A 148 -7.45 3.13 -21.71
CA ILE A 148 -7.08 4.44 -22.24
C ILE A 148 -6.35 4.23 -23.56
N VAL A 149 -6.89 4.82 -24.63
CA VAL A 149 -6.37 4.62 -25.97
C VAL A 149 -5.66 5.90 -26.41
N LEU A 150 -4.40 5.75 -26.83
CA LEU A 150 -3.57 6.85 -27.31
C LEU A 150 -3.05 6.51 -28.70
N ARG A 151 -2.76 7.54 -29.48
CA ARG A 151 -2.25 7.39 -30.82
C ARG A 151 -0.98 8.20 -30.96
N LEU A 152 0.07 7.57 -31.51
CA LEU A 152 1.32 8.26 -31.81
C LEU A 152 1.31 8.57 -33.29
N GLY A 153 1.04 9.83 -33.63
CA GLY A 153 0.88 10.22 -35.02
C GLY A 153 1.29 11.65 -35.26
N ARG A 154 1.21 12.05 -36.52
CA ARG A 154 1.57 13.40 -36.94
C ARG A 154 0.35 14.30 -36.99
N GLU B 5 11.07 11.05 18.65
CA GLU B 5 12.18 10.30 19.19
C GLU B 5 11.77 8.84 19.40
N ASN B 6 11.25 8.52 20.58
CA ASN B 6 10.70 7.18 20.80
C ASN B 6 9.33 7.01 20.18
N PRO B 7 8.34 7.88 20.42
CA PRO B 7 7.02 7.65 19.79
C PRO B 7 7.07 7.65 18.27
N LEU B 8 7.89 8.52 17.67
CA LEU B 8 7.98 8.57 16.22
C LEU B 8 8.59 7.29 15.66
N PHE B 9 9.65 6.80 16.29
CA PHE B 9 10.27 5.55 15.87
C PHE B 9 9.28 4.39 16.02
N ASP B 10 8.54 4.37 17.12
CA ASP B 10 7.57 3.31 17.34
C ASP B 10 6.47 3.35 16.28
N TYR B 11 5.98 4.55 15.95
CA TYR B 11 4.94 4.67 14.93
C TYR B 11 5.45 4.21 13.57
N TYR B 12 6.67 4.62 13.21
CA TYR B 12 7.23 4.21 11.93
C TYR B 12 7.41 2.70 11.88
N ARG B 13 7.84 2.09 12.98
CA ARG B 13 8.05 0.65 12.99
C ARG B 13 6.72 -0.10 12.91
N ASN B 14 5.68 0.40 13.60
CA ASN B 14 4.42 -0.33 13.67
C ASN B 14 3.54 -0.13 12.46
N ARG B 15 3.82 0.87 11.61
CA ARG B 15 2.97 1.19 10.48
C ARG B 15 3.67 0.98 9.14
N GLN B 16 4.77 0.23 9.13
CA GLN B 16 5.47 -0.03 7.86
C GLN B 16 4.60 -0.85 6.92
N ALA B 17 3.92 -1.86 7.45
CA ALA B 17 2.99 -2.65 6.65
C ALA B 17 1.71 -1.85 6.39
N PRO B 18 1.06 -2.07 5.25
CA PRO B 18 -0.15 -1.30 4.94
C PRO B 18 -1.33 -1.73 5.78
N LEU B 19 -2.38 -0.90 5.73
CA LEU B 19 -3.59 -1.19 6.50
C LEU B 19 -4.29 -2.44 5.98
N GLN B 20 -4.06 -2.82 4.72
CA GLN B 20 -4.76 -3.94 4.14
C GLN B 20 -4.36 -5.27 4.78
N TRP B 21 -3.13 -5.37 5.27
CA TRP B 21 -2.61 -6.65 5.71
C TRP B 21 -2.12 -6.68 7.15
N ARG B 22 -2.11 -5.55 7.86
CA ARG B 22 -1.56 -5.54 9.21
C ARG B 22 -2.34 -6.47 10.12
N GLY B 23 -3.66 -6.31 10.17
CA GLY B 23 -4.47 -7.14 11.04
C GLY B 23 -4.49 -8.60 10.63
N ALA B 24 -4.58 -8.86 9.33
CA ALA B 24 -4.60 -10.24 8.84
C ALA B 24 -3.30 -10.96 9.19
N LEU B 25 -2.16 -10.30 8.96
CA LEU B 25 -0.89 -10.94 9.28
C LEU B 25 -0.69 -11.07 10.78
N GLY B 26 -1.20 -10.12 11.57
CA GLY B 26 -1.14 -10.28 13.02
C GLY B 26 -1.94 -11.48 13.48
N ALA B 27 -3.13 -11.67 12.92
CA ALA B 27 -3.95 -12.83 13.27
C ALA B 27 -3.27 -14.13 12.84
N LEU B 28 -2.67 -14.13 11.65
CA LEU B 28 -1.95 -15.32 11.20
C LEU B 28 -0.78 -15.64 12.11
N ALA B 29 -0.05 -14.61 12.56
CA ALA B 29 1.05 -14.82 13.48
C ALA B 29 0.55 -15.36 14.81
N GLN B 30 -0.59 -14.85 15.28
CA GLN B 30 -1.15 -15.36 16.53
C GLN B 30 -1.51 -16.84 16.40
N SER B 31 -2.13 -17.23 15.28
CA SER B 31 -2.46 -18.63 15.08
C SER B 31 -1.21 -19.50 15.00
N LEU B 32 -0.19 -19.02 14.30
CA LEU B 32 1.05 -19.77 14.19
C LEU B 32 1.71 -19.95 15.55
N THR B 33 1.72 -18.91 16.37
CA THR B 33 2.28 -19.03 17.70
C THR B 33 1.48 -19.99 18.57
N ASN B 34 0.15 -19.97 18.45
CA ASN B 34 -0.67 -20.90 19.22
C ASN B 34 -0.40 -22.34 18.81
N HIS B 35 -0.15 -22.59 17.52
CA HIS B 35 -0.02 -23.97 17.07
C HIS B 35 1.41 -24.48 17.18
N PHE B 36 2.41 -23.65 16.91
CA PHE B 36 3.78 -24.12 16.78
C PHE B 36 4.70 -23.41 17.76
N SER B 37 5.81 -24.07 18.08
CA SER B 37 6.86 -23.53 18.92
C SER B 37 7.71 -22.55 18.12
N PRO B 38 8.47 -21.69 18.81
CA PRO B 38 9.29 -20.71 18.09
C PRO B 38 10.30 -21.33 17.13
N GLU B 39 10.90 -22.47 17.48
CA GLU B 39 11.89 -23.08 16.59
C GLU B 39 11.25 -23.57 15.30
N GLN B 40 10.06 -24.16 15.40
CA GLN B 40 9.35 -24.60 14.20
C GLN B 40 9.01 -23.41 13.31
N LEU B 41 8.59 -22.31 13.92
CA LEU B 41 8.30 -21.11 13.13
C LEU B 41 9.57 -20.57 12.49
N ARG B 42 10.70 -20.64 13.19
CA ARG B 42 11.95 -20.21 12.60
C ARG B 42 12.30 -21.04 11.38
N THR B 43 12.13 -22.36 11.47
CA THR B 43 12.40 -23.23 10.32
C THR B 43 11.47 -22.90 9.16
N LEU B 44 10.19 -22.70 9.46
CA LEU B 44 9.22 -22.39 8.42
C LEU B 44 9.57 -21.08 7.71
N LEU B 45 9.89 -20.05 8.48
CA LEU B 45 10.22 -18.76 7.87
C LEU B 45 11.57 -18.79 7.16
N ARG B 46 12.51 -19.62 7.63
CA ARG B 46 13.77 -19.77 6.89
C ARG B 46 13.53 -20.40 5.52
N GLU B 47 12.69 -21.43 5.46
CA GLU B 47 12.36 -22.01 4.16
C GLU B 47 11.62 -21.01 3.29
N ALA B 48 10.74 -20.21 3.89
CA ALA B 48 10.06 -19.16 3.14
C ALA B 48 11.06 -18.16 2.57
N GLY B 49 12.07 -17.78 3.37
CA GLY B 49 13.09 -16.87 2.87
C GLY B 49 13.89 -17.47 1.74
N GLN B 50 14.21 -18.76 1.83
CA GLN B 50 14.91 -19.41 0.72
C GLN B 50 14.08 -19.38 -0.54
N HIS B 51 12.78 -19.65 -0.44
CA HIS B 51 11.92 -19.58 -1.62
C HIS B 51 11.86 -18.16 -2.17
N PHE B 52 11.77 -17.16 -1.29
CA PHE B 52 11.73 -15.77 -1.73
C PHE B 52 13.01 -15.40 -2.48
N ALA B 53 14.16 -15.82 -1.95
CA ALA B 53 15.43 -15.56 -2.63
C ALA B 53 15.50 -16.28 -3.96
N SER B 54 14.94 -17.49 -4.05
CA SER B 54 14.90 -18.19 -5.32
C SER B 54 14.06 -17.44 -6.35
N GLN B 55 12.94 -16.86 -5.91
CA GLN B 55 12.07 -16.15 -6.85
C GLN B 55 12.68 -14.82 -7.29
N HIS B 56 13.56 -14.24 -6.48
CA HIS B 56 14.19 -12.95 -6.77
C HIS B 56 15.70 -13.09 -6.69
N PRO B 57 16.33 -13.64 -7.73
CA PRO B 57 17.77 -13.84 -7.69
C PRO B 57 18.53 -12.52 -7.78
N VAL B 58 19.75 -12.53 -7.25
CA VAL B 58 20.62 -11.36 -7.29
C VAL B 58 21.55 -11.46 -8.48
N GLN B 59 21.95 -10.30 -9.00
CA GLN B 59 22.89 -10.25 -10.10
C GLN B 59 24.27 -10.72 -9.64
N ALA B 60 25.03 -11.29 -10.57
CA ALA B 60 26.37 -11.78 -10.25
C ALA B 60 27.26 -10.64 -9.80
N ALA B 61 27.96 -10.85 -8.68
CA ALA B 61 28.87 -9.89 -8.10
C ALA B 61 30.20 -10.56 -7.80
N GLU B 62 31.22 -9.76 -7.51
CA GLU B 62 32.54 -10.30 -7.20
C GLU B 62 33.06 -9.76 -5.89
N THR B 63 32.79 -8.50 -5.58
CA THR B 63 33.26 -7.85 -4.38
C THR B 63 32.14 -7.72 -3.35
N VAL B 64 32.52 -7.31 -2.13
CA VAL B 64 31.55 -7.15 -1.06
C VAL B 64 30.58 -6.01 -1.38
N GLN B 65 31.11 -4.89 -1.87
CA GLN B 65 30.25 -3.75 -2.19
C GLN B 65 29.29 -4.11 -3.31
N SER B 66 29.74 -4.87 -4.30
CA SER B 66 28.85 -5.26 -5.40
C SER B 66 27.74 -6.18 -4.91
N MET B 67 28.06 -7.12 -4.01
CA MET B 67 27.01 -7.98 -3.46
C MET B 67 26.02 -7.17 -2.66
N GLN B 68 26.50 -6.22 -1.85
CA GLN B 68 25.58 -5.37 -1.09
C GLN B 68 24.70 -4.55 -2.02
N ASP B 69 25.27 -4.03 -3.11
CA ASP B 69 24.50 -3.26 -4.06
C ASP B 69 23.42 -4.12 -4.71
N ALA B 70 23.76 -5.34 -5.09
CA ALA B 70 22.77 -6.22 -5.70
C ALA B 70 21.63 -6.56 -4.73
N MET B 71 21.99 -6.90 -3.49
CA MET B 71 20.96 -7.23 -2.50
C MET B 71 20.07 -6.03 -2.22
N ASN B 72 20.66 -4.84 -2.10
CA ASN B 72 19.85 -3.65 -1.86
C ASN B 72 19.00 -3.29 -3.07
N GLY B 73 19.50 -3.57 -4.27
CA GLY B 73 18.68 -3.35 -5.46
C GLY B 73 17.47 -4.26 -5.51
N VAL B 74 17.65 -5.50 -5.05
CA VAL B 74 16.50 -6.40 -4.95
C VAL B 74 15.54 -5.90 -3.87
N TRP B 75 16.08 -5.47 -2.73
CA TRP B 75 15.22 -5.03 -1.63
C TRP B 75 14.42 -3.78 -1.98
N THR B 76 15.05 -2.82 -2.64
CA THR B 76 14.44 -1.51 -2.85
C THR B 76 13.22 -1.55 -3.76
N THR B 77 13.04 -2.63 -4.51
CA THR B 77 11.86 -2.76 -5.35
C THR B 77 10.64 -3.24 -4.57
N GLN B 78 10.81 -3.59 -3.30
CA GLN B 78 9.70 -4.09 -2.48
C GLN B 78 9.59 -3.38 -1.14
N ASP B 79 10.37 -2.33 -0.91
CA ASP B 79 10.32 -1.55 0.33
C ASP B 79 10.56 -2.43 1.56
N TRP B 80 11.75 -3.03 1.62
CA TRP B 80 12.11 -3.95 2.69
C TRP B 80 13.42 -3.56 3.36
N GLY B 81 13.67 -2.26 3.52
CA GLY B 81 14.87 -1.83 4.21
C GLY B 81 16.11 -1.94 3.35
N TRP B 82 17.26 -2.03 4.01
CA TRP B 82 18.53 -2.13 3.29
C TRP B 82 19.54 -2.84 4.16
N VAL B 83 20.58 -3.37 3.52
CA VAL B 83 21.58 -4.20 4.19
C VAL B 83 22.96 -3.56 4.03
N ASP B 84 23.75 -3.62 5.09
CA ASP B 84 25.14 -3.20 5.09
C ASP B 84 26.02 -4.38 5.44
N ILE B 85 27.04 -4.63 4.62
CA ILE B 85 27.91 -5.79 4.77
C ILE B 85 29.29 -5.30 5.18
N HIS B 86 29.83 -5.86 6.26
CA HIS B 86 31.15 -5.54 6.74
C HIS B 86 31.98 -6.82 6.80
N ASP B 87 33.21 -6.76 6.29
CA ASP B 87 34.10 -7.91 6.25
C ASP B 87 35.05 -7.83 7.44
N LEU B 88 34.70 -8.50 8.53
CA LEU B 88 35.54 -8.52 9.72
C LEU B 88 36.42 -9.75 9.65
N ASP B 89 37.71 -9.52 9.40
CA ASP B 89 38.69 -10.60 9.29
C ASP B 89 38.26 -11.65 8.29
N SER B 90 37.65 -12.74 8.78
CA SER B 90 37.26 -13.86 7.94
C SER B 90 35.76 -13.97 7.74
N PHE B 91 34.95 -13.31 8.56
CA PHE B 91 33.50 -13.47 8.49
C PHE B 91 32.81 -12.18 8.05
N LEU B 92 31.69 -12.36 7.36
CA LEU B 92 30.86 -11.26 6.89
C LEU B 92 29.73 -11.01 7.88
N THR B 93 29.55 -9.76 8.26
CA THR B 93 28.46 -9.33 9.13
C THR B 93 27.49 -8.49 8.33
N LEU B 94 26.22 -8.89 8.34
CA LEU B 94 25.16 -8.22 7.59
C LEU B 94 24.22 -7.55 8.59
N THR B 95 24.04 -6.25 8.46
CA THR B 95 23.10 -5.51 9.28
C THR B 95 21.95 -5.05 8.39
N HIS B 96 20.74 -5.51 8.71
CA HIS B 96 19.55 -5.18 7.95
C HIS B 96 18.72 -4.18 8.74
N TYR B 97 18.35 -3.08 8.08
CA TYR B 97 17.55 -2.02 8.66
C TYR B 97 16.22 -1.92 7.95
N ALA B 98 15.17 -1.60 8.73
CA ALA B 98 13.84 -1.31 8.23
C ALA B 98 13.18 -2.52 7.58
N ALA B 99 13.29 -3.67 8.24
CA ALA B 99 12.54 -4.85 7.82
C ALA B 99 11.10 -4.70 8.28
N PRO B 100 10.11 -4.87 7.41
CA PRO B 100 8.71 -4.65 7.79
C PRO B 100 8.12 -5.83 8.55
N LEU B 101 8.95 -6.74 9.03
CA LEU B 101 8.45 -7.91 9.74
C LEU B 101 7.76 -7.53 11.04
N GLU B 102 8.30 -6.53 11.75
CA GLU B 102 7.71 -6.15 13.03
C GLU B 102 6.33 -5.54 12.86
N SER B 103 6.14 -4.74 11.81
CA SER B 103 4.83 -4.13 11.57
C SER B 103 3.78 -5.18 11.25
N ALA B 104 4.19 -6.26 10.58
CA ALA B 104 3.23 -7.28 10.17
C ALA B 104 2.94 -8.26 11.29
N PHE B 105 3.96 -8.97 11.78
CA PHE B 105 3.77 -10.06 12.72
C PHE B 105 3.89 -9.63 14.18
N GLY B 106 4.14 -8.37 14.44
CA GLY B 106 4.26 -7.91 15.82
C GLY B 106 5.70 -7.96 16.31
N ALA B 107 6.00 -7.07 17.26
CA ALA B 107 7.36 -7.00 17.80
C ALA B 107 7.72 -8.27 18.57
N GLN B 108 6.79 -8.77 19.38
CA GLN B 108 7.06 -9.93 20.21
C GLN B 108 7.34 -11.19 19.39
N ASN B 109 6.97 -11.19 18.12
CA ASN B 109 7.21 -12.33 17.25
C ASN B 109 8.53 -12.21 16.48
N LEU B 110 9.27 -11.11 16.67
CA LEU B 110 10.54 -10.95 15.97
C LEU B 110 11.55 -12.01 16.36
N ALA B 111 11.29 -12.74 17.45
CA ALA B 111 12.17 -13.85 17.82
C ALA B 111 12.20 -14.92 16.74
N TRP B 112 11.15 -15.01 15.91
CA TRP B 112 11.15 -15.99 14.84
C TRP B 112 10.95 -15.38 13.45
N SER B 113 10.21 -14.28 13.34
CA SER B 113 9.97 -13.69 12.02
C SER B 113 11.27 -13.27 11.36
N ALA B 114 12.24 -12.79 12.14
CA ALA B 114 13.53 -12.39 11.57
C ALA B 114 14.22 -13.55 10.87
N ALA B 115 13.88 -14.79 11.22
CA ALA B 115 14.48 -15.93 10.55
C ALA B 115 14.22 -15.88 9.05
N PHE B 116 13.15 -15.20 8.63
CA PHE B 116 12.90 -15.03 7.20
C PHE B 116 14.12 -14.46 6.50
N LEU B 117 14.70 -13.40 7.06
CA LEU B 117 15.89 -12.82 6.47
C LEU B 117 17.04 -13.82 6.46
N GLU B 118 17.16 -14.60 7.53
CA GLU B 118 18.19 -15.64 7.57
C GLU B 118 18.03 -16.62 6.43
N GLY B 119 16.79 -16.84 5.98
CA GLY B 119 16.58 -17.73 4.86
C GLY B 119 16.92 -17.11 3.52
N VAL B 120 16.84 -15.78 3.43
CA VAL B 120 17.07 -15.11 2.15
C VAL B 120 18.56 -15.06 1.83
N TYR B 121 19.32 -14.36 2.68
CA TYR B 121 20.72 -14.12 2.40
C TYR B 121 21.47 -15.42 2.14
N GLU B 122 21.22 -16.43 2.97
CA GLU B 122 21.77 -17.76 2.76
C GLU B 122 21.64 -18.18 1.31
N GLN B 123 20.41 -18.27 0.81
CA GLN B 123 20.20 -18.67 -0.57
C GLN B 123 20.91 -17.73 -1.53
N TRP B 124 20.85 -16.42 -1.24
CA TRP B 124 21.53 -15.46 -2.10
C TRP B 124 23.02 -15.75 -2.18
N PHE B 125 23.64 -16.08 -1.04
CA PHE B 125 25.05 -16.44 -1.07
C PHE B 125 25.26 -17.71 -1.86
N ARG B 126 24.33 -18.66 -1.75
CA ARG B 126 24.42 -19.86 -2.57
C ARG B 126 24.38 -19.54 -4.06
N GLN B 127 23.73 -18.42 -4.42
CA GLN B 127 23.70 -18.01 -5.82
C GLN B 127 24.96 -17.27 -6.25
N LEU B 128 25.78 -16.83 -5.30
CA LEU B 128 26.98 -16.07 -5.61
C LEU B 128 28.26 -16.90 -5.47
N GLY B 129 28.13 -18.22 -5.41
CA GLY B 129 29.30 -19.08 -5.35
C GLY B 129 29.89 -19.27 -3.97
N ALA B 130 29.17 -18.89 -2.92
CA ALA B 130 29.66 -19.09 -1.57
C ALA B 130 29.75 -20.57 -1.25
N SER B 131 30.81 -20.95 -0.53
CA SER B 131 31.04 -22.36 -0.21
C SER B 131 29.91 -22.89 0.66
N ASP B 132 29.58 -24.17 0.46
CA ASP B 132 28.49 -24.78 1.21
C ASP B 132 28.82 -24.90 2.69
N ALA B 133 30.09 -24.79 3.05
CA ALA B 133 30.48 -24.84 4.45
C ALA B 133 30.01 -23.61 5.22
N LEU B 134 29.75 -22.50 4.52
CA LEU B 134 29.34 -21.26 5.16
C LEU B 134 27.83 -21.23 5.32
N HIS B 135 27.38 -20.76 6.48
CA HIS B 135 25.96 -20.62 6.77
C HIS B 135 25.69 -19.24 7.39
N VAL B 136 24.46 -18.77 7.23
CA VAL B 136 24.02 -17.50 7.79
C VAL B 136 23.26 -17.78 9.07
N ARG B 137 23.68 -17.15 10.16
CA ARG B 137 23.07 -17.33 11.46
C ARG B 137 22.81 -15.98 12.11
N GLN B 138 21.68 -15.86 12.80
CA GLN B 138 21.33 -14.61 13.47
C GLN B 138 22.03 -14.54 14.83
N SER B 139 22.71 -13.44 15.09
CA SER B 139 23.41 -13.24 16.34
C SER B 139 22.52 -12.50 17.32
N GLU B 140 22.18 -13.15 18.43
CA GLU B 140 21.32 -12.54 19.46
C GLU B 140 22.18 -11.74 20.43
N GLU B 141 22.65 -10.59 19.93
CA GLU B 141 23.53 -9.72 20.70
C GLU B 141 23.02 -8.29 20.78
N SER B 142 22.41 -7.77 19.72
CA SER B 142 21.94 -6.41 19.68
C SER B 142 20.42 -6.37 19.75
N ASP B 143 19.88 -5.16 19.78
CA ASP B 143 18.43 -4.97 19.80
C ASP B 143 17.85 -5.37 18.45
N VAL B 144 16.88 -6.29 18.47
CA VAL B 144 16.27 -6.76 17.23
C VAL B 144 15.47 -5.63 16.57
N ARG B 145 14.83 -4.79 17.38
CA ARG B 145 14.00 -3.72 16.83
C ARG B 145 14.81 -2.72 16.02
N LYS B 146 15.99 -2.34 16.51
CA LYS B 146 16.80 -1.35 15.80
C LYS B 146 17.30 -1.90 14.47
N ALA B 147 17.91 -3.08 14.49
CA ALA B 147 18.44 -3.70 13.27
C ALA B 147 18.60 -5.18 13.52
N ILE B 148 18.71 -5.93 12.42
CA ILE B 148 18.90 -7.37 12.47
C ILE B 148 20.33 -7.68 12.06
N VAL B 149 21.08 -8.33 12.93
CA VAL B 149 22.49 -8.62 12.70
C VAL B 149 22.62 -10.11 12.39
N LEU B 150 23.30 -10.42 11.29
CA LEU B 150 23.51 -11.78 10.82
C LEU B 150 24.99 -12.00 10.53
N ARG B 151 25.43 -13.24 10.69
CA ARG B 151 26.83 -13.60 10.48
C ARG B 151 26.89 -14.73 9.47
N LEU B 152 27.71 -14.57 8.44
CA LEU B 152 27.98 -15.63 7.48
C LEU B 152 29.30 -16.29 7.87
N GLY B 153 29.22 -17.46 8.51
CA GLY B 153 30.39 -18.09 9.06
C GLY B 153 30.29 -19.60 9.01
N ARG B 154 31.37 -20.23 9.46
CA ARG B 154 31.45 -21.69 9.48
C ARG B 154 31.06 -22.24 10.85
N GLU C 5 -11.11 -7.64 -20.28
CA GLU C 5 -12.08 -8.68 -19.96
C GLU C 5 -11.44 -9.71 -19.03
N ASN C 6 -11.01 -10.85 -19.58
CA ASN C 6 -10.27 -11.81 -18.79
C ASN C 6 -8.91 -11.29 -18.34
N PRO C 7 -8.07 -10.71 -19.22
CA PRO C 7 -6.77 -10.21 -18.72
C PRO C 7 -6.90 -9.11 -17.68
N LEU C 8 -7.87 -8.22 -17.83
CA LEU C 8 -8.04 -7.15 -16.86
C LEU C 8 -8.49 -7.69 -15.51
N PHE C 9 -9.42 -8.65 -15.51
CA PHE C 9 -9.84 -9.29 -14.28
C PHE C 9 -8.68 -10.02 -13.61
N ASP C 10 -7.87 -10.71 -14.42
CA ASP C 10 -6.71 -11.42 -13.87
C ASP C 10 -5.72 -10.44 -13.25
N TYR C 11 -5.47 -9.32 -13.90
CA TYR C 11 -4.55 -8.32 -13.36
C TYR C 11 -5.08 -7.74 -12.06
N TYR C 12 -6.38 -7.44 -12.02
CA TYR C 12 -6.96 -6.89 -10.79
C TYR C 12 -6.88 -7.89 -9.66
N ARG C 13 -7.12 -9.18 -9.95
CA ARG C 13 -7.07 -10.19 -8.90
C ARG C 13 -5.65 -10.41 -8.40
N ASN C 14 -4.68 -10.40 -9.31
CA ASN C 14 -3.30 -10.70 -8.94
C ASN C 14 -2.60 -9.56 -8.22
N ARG C 15 -2.98 -8.31 -8.50
CA ARG C 15 -2.26 -7.16 -7.99
C ARG C 15 -3.01 -6.45 -6.86
N GLN C 16 -3.99 -7.12 -6.25
CA GLN C 16 -4.73 -6.49 -5.17
C GLN C 16 -3.86 -6.30 -3.94
N ALA C 17 -2.98 -7.25 -3.65
CA ALA C 17 -2.02 -7.09 -2.58
C ALA C 17 -0.90 -6.15 -3.01
N PRO C 18 -0.32 -5.40 -2.08
CA PRO C 18 0.71 -4.42 -2.46
C PRO C 18 2.01 -5.10 -2.84
N LEU C 19 2.88 -4.31 -3.49
CA LEU C 19 4.19 -4.80 -3.91
C LEU C 19 5.07 -5.16 -2.71
N GLN C 20 4.81 -4.55 -1.56
CA GLN C 20 5.66 -4.78 -0.40
C GLN C 20 5.56 -6.21 0.11
N TRP C 21 4.40 -6.84 -0.03
CA TRP C 21 4.15 -8.12 0.62
C TRP C 21 3.77 -9.25 -0.31
N ARG C 22 3.62 -9.00 -1.61
CA ARG C 22 3.17 -10.05 -2.51
C ARG C 22 4.17 -11.21 -2.54
N GLY C 23 5.44 -10.90 -2.79
CA GLY C 23 6.45 -11.94 -2.87
C GLY C 23 6.70 -12.64 -1.54
N ALA C 24 6.73 -11.87 -0.45
CA ALA C 24 6.95 -12.45 0.86
C ALA C 24 5.83 -13.40 1.24
N LEU C 25 4.58 -12.99 1.01
CA LEU C 25 3.45 -13.87 1.34
C LEU C 25 3.39 -15.06 0.41
N GLY C 26 3.78 -14.90 -0.86
CA GLY C 26 3.85 -16.06 -1.74
C GLY C 26 4.88 -17.07 -1.27
N ALA C 27 6.04 -16.58 -0.83
CA ALA C 27 7.07 -17.48 -0.31
C ALA C 27 6.59 -18.18 0.97
N LEU C 28 5.92 -17.44 1.85
CA LEU C 28 5.40 -18.04 3.07
C LEU C 28 4.36 -19.11 2.75
N ALA C 29 3.49 -18.84 1.77
CA ALA C 29 2.51 -19.84 1.36
C ALA C 29 3.20 -21.07 0.77
N GLN C 30 4.26 -20.86 -0.01
CA GLN C 30 5.00 -21.99 -0.56
C GLN C 30 5.58 -22.86 0.55
N SER C 31 6.19 -22.22 1.54
CA SER C 31 6.75 -22.98 2.66
C SER C 31 5.67 -23.73 3.43
N LEU C 32 4.53 -23.07 3.66
CA LEU C 32 3.42 -23.72 4.36
C LEU C 32 2.92 -24.93 3.58
N THR C 33 2.78 -24.80 2.26
CA THR C 33 2.34 -25.93 1.45
C THR C 33 3.35 -27.06 1.47
N ASN C 34 4.65 -26.74 1.44
CA ASN C 34 5.66 -27.79 1.52
C ASN C 34 5.59 -28.53 2.84
N HIS C 35 5.35 -27.80 3.94
CA HIS C 35 5.40 -28.44 5.24
C HIS C 35 4.09 -29.12 5.63
N PHE C 36 2.95 -28.50 5.34
CA PHE C 36 1.68 -28.96 5.87
C PHE C 36 0.72 -29.32 4.74
N SER C 37 -0.23 -30.19 5.07
CA SER C 37 -1.29 -30.60 4.17
C SER C 37 -2.38 -29.54 4.09
N PRO C 38 -3.21 -29.56 3.05
CA PRO C 38 -4.27 -28.55 2.93
C PRO C 38 -5.22 -28.47 4.10
N GLU C 39 -5.57 -29.61 4.72
CA GLU C 39 -6.50 -29.58 5.84
C GLU C 39 -5.91 -28.86 7.05
N GLN C 40 -4.64 -29.13 7.35
CA GLN C 40 -3.99 -28.44 8.46
C GLN C 40 -3.88 -26.95 8.19
N LEU C 41 -3.59 -26.57 6.95
CA LEU C 41 -3.55 -25.16 6.60
C LEU C 41 -4.93 -24.52 6.74
N ARG C 42 -5.98 -25.26 6.39
CA ARG C 42 -7.33 -24.76 6.57
C ARG C 42 -7.64 -24.51 8.04
N THR C 43 -7.24 -25.44 8.90
CA THR C 43 -7.46 -25.25 10.33
C THR C 43 -6.68 -24.06 10.85
N LEU C 44 -5.43 -23.92 10.42
CA LEU C 44 -4.60 -22.80 10.86
C LEU C 44 -5.20 -21.47 10.43
N LEU C 45 -5.64 -21.38 9.17
CA LEU C 45 -6.21 -20.12 8.69
C LEU C 45 -7.58 -19.85 9.29
N ARG C 46 -8.33 -20.90 9.64
CA ARG C 46 -9.60 -20.70 10.34
C ARG C 46 -9.36 -20.10 11.73
N GLU C 47 -8.37 -20.61 12.45
CA GLU C 47 -8.05 -20.02 13.75
C GLU C 47 -7.54 -18.59 13.59
N ALA C 48 -6.77 -18.34 12.54
CA ALA C 48 -6.33 -16.97 12.26
C ALA C 48 -7.52 -16.05 12.01
N GLY C 49 -8.50 -16.52 11.25
CA GLY C 49 -9.70 -15.72 11.02
C GLY C 49 -10.47 -15.48 12.30
N GLN C 50 -10.55 -16.47 13.18
CA GLN C 50 -11.20 -16.28 14.47
C GLN C 50 -10.51 -15.19 15.28
N HIS C 51 -9.17 -15.21 15.31
CA HIS C 51 -8.44 -14.17 16.03
C HIS C 51 -8.66 -12.81 15.39
N PHE C 52 -8.67 -12.74 14.07
CA PHE C 52 -8.91 -11.47 13.38
C PHE C 52 -10.28 -10.93 13.72
N ALA C 53 -11.31 -11.78 13.73
CA ALA C 53 -12.65 -11.33 14.07
C ALA C 53 -12.73 -10.89 15.53
N SER C 54 -11.97 -11.55 16.41
CA SER C 54 -11.94 -11.12 17.80
C SER C 54 -11.30 -9.74 17.95
N GLN C 55 -10.27 -9.46 17.15
CA GLN C 55 -9.61 -8.16 17.24
C GLN C 55 -10.44 -7.05 16.61
N HIS C 56 -11.35 -7.38 15.71
CA HIS C 56 -12.18 -6.40 15.01
C HIS C 56 -13.64 -6.78 15.18
N PRO C 57 -14.23 -6.50 16.34
CA PRO C 57 -15.61 -6.90 16.57
C PRO C 57 -16.59 -6.09 15.73
N VAL C 58 -17.75 -6.68 15.48
CA VAL C 58 -18.80 -6.02 14.71
C VAL C 58 -19.83 -5.42 15.66
N GLN C 59 -20.44 -4.33 15.23
CA GLN C 59 -21.49 -3.70 16.00
C GLN C 59 -22.72 -4.61 16.04
N ALA C 60 -23.44 -4.57 17.16
CA ALA C 60 -24.63 -5.38 17.33
C ALA C 60 -25.66 -5.05 16.24
N ALA C 61 -26.24 -6.09 15.67
CA ALA C 61 -27.28 -5.96 14.66
C ALA C 61 -28.47 -6.86 15.04
N GLU C 62 -29.60 -6.64 14.37
CA GLU C 62 -30.79 -7.44 14.64
C GLU C 62 -31.32 -8.10 13.38
N THR C 63 -31.22 -7.40 12.25
CA THR C 63 -31.69 -7.92 10.97
C THR C 63 -30.52 -8.36 10.11
N VAL C 64 -30.86 -9.07 9.02
CA VAL C 64 -29.83 -9.56 8.10
C VAL C 64 -29.11 -8.40 7.44
N GLN C 65 -29.86 -7.39 7.01
CA GLN C 65 -29.25 -6.24 6.35
C GLN C 65 -28.32 -5.49 7.29
N SER C 66 -28.71 -5.35 8.56
CA SER C 66 -27.84 -4.67 9.52
C SER C 66 -26.57 -5.47 9.78
N MET C 67 -26.69 -6.80 9.85
CA MET C 67 -25.51 -7.64 10.01
C MET C 67 -24.55 -7.47 8.83
N GLN C 68 -25.11 -7.47 7.62
CA GLN C 68 -24.28 -7.27 6.43
C GLN C 68 -23.63 -5.89 6.45
N ASP C 69 -24.37 -4.87 6.89
CA ASP C 69 -23.82 -3.52 6.96
C ASP C 69 -22.66 -3.46 7.95
N ALA C 70 -22.80 -4.10 9.10
CA ALA C 70 -21.72 -4.11 10.08
C ALA C 70 -20.49 -4.83 9.56
N MET C 71 -20.69 -6.00 8.95
CA MET C 71 -19.56 -6.74 8.42
C MET C 71 -18.86 -5.97 7.31
N ASN C 72 -19.63 -5.34 6.43
CA ASN C 72 -19.03 -4.56 5.35
C ASN C 72 -18.34 -3.32 5.89
N GLY C 73 -18.86 -2.72 6.96
CA GLY C 73 -18.19 -1.59 7.57
C GLY C 73 -16.85 -1.98 8.16
N VAL C 74 -16.78 -3.18 8.74
CA VAL C 74 -15.49 -3.67 9.22
C VAL C 74 -14.55 -3.94 8.05
N TRP C 75 -15.07 -4.55 6.98
CA TRP C 75 -14.21 -4.90 5.85
C TRP C 75 -13.67 -3.66 5.14
N THR C 76 -14.51 -2.63 4.96
CA THR C 76 -14.14 -1.50 4.11
C THR C 76 -13.02 -0.67 4.70
N THR C 77 -12.71 -0.83 5.99
CA THR C 77 -11.59 -0.11 6.58
C THR C 77 -10.26 -0.78 6.32
N GLN C 78 -10.25 -1.91 5.62
CA GLN C 78 -9.01 -2.63 5.34
C GLN C 78 -8.92 -3.11 3.90
N ASP C 79 -9.85 -2.70 3.04
CA ASP C 79 -9.83 -3.05 1.61
C ASP C 79 -9.81 -4.57 1.42
N TRP C 80 -10.87 -5.23 1.88
CA TRP C 80 -10.99 -6.67 1.82
C TRP C 80 -12.28 -7.13 1.17
N GLY C 81 -12.77 -6.38 0.17
CA GLY C 81 -13.96 -6.78 -0.53
C GLY C 81 -15.23 -6.47 0.26
N TRP C 82 -16.30 -7.19 -0.07
CA TRP C 82 -17.57 -6.98 0.61
C TRP C 82 -18.38 -8.26 0.58
N VAL C 83 -19.33 -8.36 1.51
CA VAL C 83 -20.11 -9.57 1.71
C VAL C 83 -21.59 -9.25 1.45
N ASP C 84 -22.27 -10.18 0.78
CA ASP C 84 -23.71 -10.12 0.58
C ASP C 84 -24.35 -11.33 1.26
N ILE C 85 -25.37 -11.09 2.07
CA ILE C 85 -26.03 -12.12 2.85
C ILE C 85 -27.44 -12.31 2.31
N HIS C 86 -27.79 -13.56 2.03
CA HIS C 86 -29.13 -13.91 1.55
C HIS C 86 -29.73 -14.96 2.46
N ASP C 87 -30.97 -14.75 2.88
CA ASP C 87 -31.67 -15.66 3.78
C ASP C 87 -32.52 -16.60 2.95
N LEU C 88 -31.97 -17.76 2.63
CA LEU C 88 -32.69 -18.77 1.85
C LEU C 88 -33.36 -19.73 2.82
N ASP C 89 -34.69 -19.62 2.93
CA ASP C 89 -35.47 -20.47 3.81
C ASP C 89 -34.96 -20.41 5.24
N SER C 90 -34.15 -21.40 5.62
CA SER C 90 -33.64 -21.50 6.98
C SER C 90 -32.17 -21.16 7.13
N PHE C 91 -31.41 -21.14 6.03
CA PHE C 91 -29.98 -20.94 6.10
C PHE C 91 -29.55 -19.63 5.46
N LEU C 92 -28.49 -19.06 6.01
CA LEU C 92 -27.88 -17.84 5.49
C LEU C 92 -26.74 -18.20 4.55
N THR C 93 -26.73 -17.59 3.37
CA THR C 93 -25.66 -17.74 2.40
C THR C 93 -24.90 -16.42 2.30
N LEU C 94 -23.59 -16.49 2.53
CA LEU C 94 -22.72 -15.33 2.51
C LEU C 94 -21.81 -15.43 1.30
N THR C 95 -21.89 -14.45 0.41
CA THR C 95 -21.02 -14.39 -0.76
C THR C 95 -20.05 -13.24 -0.60
N HIS C 96 -18.77 -13.55 -0.59
CA HIS C 96 -17.71 -12.57 -0.39
C HIS C 96 -17.01 -12.30 -1.70
N TYR C 97 -16.87 -11.02 -2.04
CA TYR C 97 -16.25 -10.57 -3.26
C TYR C 97 -14.99 -9.77 -2.95
N ALA C 98 -13.98 -9.93 -3.80
CA ALA C 98 -12.74 -9.15 -3.78
C ALA C 98 -11.93 -9.42 -2.51
N ALA C 99 -11.78 -10.69 -2.16
CA ALA C 99 -10.87 -11.05 -1.09
C ALA C 99 -9.44 -11.02 -1.62
N PRO C 100 -8.52 -10.34 -0.95
CA PRO C 100 -7.15 -10.24 -1.48
C PRO C 100 -6.30 -11.45 -1.18
N LEU C 101 -6.96 -12.56 -0.81
CA LEU C 101 -6.21 -13.78 -0.50
C LEU C 101 -5.51 -14.33 -1.73
N GLU C 102 -6.16 -14.27 -2.89
CA GLU C 102 -5.56 -14.81 -4.10
C GLU C 102 -4.33 -14.01 -4.52
N SER C 103 -4.37 -12.69 -4.35
CA SER C 103 -3.24 -11.87 -4.74
C SER C 103 -2.03 -12.15 -3.85
N ALA C 104 -2.27 -12.54 -2.60
CA ALA C 104 -1.16 -12.75 -1.67
C ALA C 104 -0.63 -14.17 -1.76
N PHE C 105 -1.48 -15.17 -1.52
CA PHE C 105 -1.04 -16.55 -1.42
C PHE C 105 -1.14 -17.31 -2.73
N GLY C 106 -1.58 -16.68 -3.80
CA GLY C 106 -1.67 -17.37 -5.07
C GLY C 106 -3.02 -18.01 -5.28
N ALA C 107 -3.40 -18.17 -6.55
CA ALA C 107 -4.70 -18.75 -6.86
C ALA C 107 -4.78 -20.20 -6.44
N GLN C 108 -3.72 -20.98 -6.69
CA GLN C 108 -3.74 -22.40 -6.41
C GLN C 108 -3.85 -22.70 -4.92
N ASN C 109 -3.59 -21.72 -4.06
CA ASN C 109 -3.71 -21.90 -2.62
C ASN C 109 -5.09 -21.51 -2.09
N LEU C 110 -5.98 -21.02 -2.96
CA LEU C 110 -7.32 -20.64 -2.51
C LEU C 110 -8.09 -21.81 -1.92
N ALA C 111 -7.65 -23.04 -2.20
CA ALA C 111 -8.29 -24.21 -1.60
C ALA C 111 -8.21 -24.19 -0.09
N TRP C 112 -7.21 -23.51 0.47
CA TRP C 112 -7.13 -23.39 1.93
C TRP C 112 -7.13 -21.97 2.45
N SER C 113 -6.59 -21.00 1.69
CA SER C 113 -6.55 -19.63 2.17
C SER C 113 -7.95 -19.09 2.42
N ALA C 114 -8.93 -19.48 1.60
CA ALA C 114 -10.30 -19.02 1.80
C ALA C 114 -10.84 -19.42 3.15
N ALA C 115 -10.29 -20.46 3.77
CA ALA C 115 -10.73 -20.86 5.11
C ALA C 115 -10.59 -19.72 6.10
N PHE C 116 -9.67 -18.79 5.84
CA PHE C 116 -9.54 -17.60 6.67
C PHE C 116 -10.88 -16.90 6.84
N LEU C 117 -11.59 -16.67 5.72
CA LEU C 117 -12.90 -16.04 5.81
C LEU C 117 -13.86 -16.90 6.62
N GLU C 118 -13.79 -18.23 6.43
CA GLU C 118 -14.64 -19.12 7.20
C GLU C 118 -14.39 -18.97 8.69
N GLY C 119 -13.17 -18.59 9.07
CA GLY C 119 -12.88 -18.37 10.47
C GLY C 119 -13.41 -17.05 10.98
N VAL C 120 -13.53 -16.06 10.11
CA VAL C 120 -13.95 -14.73 10.55
C VAL C 120 -15.45 -14.72 10.82
N TYR C 121 -16.25 -14.98 9.79
CA TYR C 121 -17.70 -14.84 9.90
C TYR C 121 -18.24 -15.66 11.06
N GLU C 122 -17.77 -16.91 11.18
CA GLU C 122 -18.14 -17.76 12.31
C GLU C 122 -18.06 -16.98 13.62
N GLN C 123 -16.87 -16.47 13.94
CA GLN C 123 -16.70 -15.75 15.20
C GLN C 123 -17.64 -14.55 15.25
N TRP C 124 -17.79 -13.84 14.14
CA TRP C 124 -18.68 -12.70 14.12
C TRP C 124 -20.10 -13.12 14.47
N PHE C 125 -20.54 -14.26 13.93
CA PHE C 125 -21.87 -14.75 14.28
C PHE C 125 -21.96 -15.06 15.77
N ARG C 126 -20.88 -15.63 16.33
CA ARG C 126 -20.86 -15.89 17.77
C ARG C 126 -20.98 -14.60 18.57
N GLN C 127 -20.54 -13.48 17.99
CA GLN C 127 -20.66 -12.20 18.67
C GLN C 127 -22.05 -11.60 18.55
N LEU C 128 -22.88 -12.10 17.63
CA LEU C 128 -24.21 -11.56 17.41
C LEU C 128 -25.31 -12.48 17.93
N GLY C 129 -24.97 -13.41 18.82
CA GLY C 129 -25.97 -14.25 19.43
C GLY C 129 -26.39 -15.45 18.62
N ALA C 130 -25.63 -15.83 17.59
CA ALA C 130 -25.94 -17.02 16.83
C ALA C 130 -25.79 -18.26 17.69
N SER C 131 -26.73 -19.20 17.54
CA SER C 131 -26.71 -20.42 18.34
C SER C 131 -25.45 -21.22 18.05
N ASP C 132 -24.93 -21.87 19.09
CA ASP C 132 -23.70 -22.64 18.93
C ASP C 132 -23.89 -23.84 18.01
N ALA C 133 -25.15 -24.23 17.77
CA ALA C 133 -25.41 -25.32 16.84
C ALA C 133 -25.10 -24.94 15.39
N LEU C 134 -25.08 -23.65 15.09
CA LEU C 134 -24.84 -23.19 13.72
C LEU C 134 -23.35 -22.98 13.50
N HIS C 135 -22.88 -23.41 12.33
CA HIS C 135 -21.49 -23.27 11.94
C HIS C 135 -21.41 -22.77 10.50
N VAL C 136 -20.28 -22.14 10.18
CA VAL C 136 -20.02 -21.60 8.85
C VAL C 136 -19.13 -22.58 8.11
N ARG C 137 -19.57 -22.98 6.91
CA ARG C 137 -18.83 -23.93 6.09
C ARG C 137 -18.75 -23.42 4.66
N GLN C 138 -17.61 -23.65 4.01
CA GLN C 138 -17.43 -23.21 2.64
C GLN C 138 -18.02 -24.23 1.68
N SER C 139 -18.89 -23.79 0.79
CA SER C 139 -19.52 -24.66 -0.18
C SER C 139 -18.69 -24.66 -1.47
N GLU C 140 -18.15 -25.83 -1.82
CA GLU C 140 -17.35 -25.97 -3.04
C GLU C 140 -18.26 -26.27 -4.23
N GLU C 141 -18.96 -25.23 -4.67
CA GLU C 141 -19.90 -25.34 -5.78
C GLU C 141 -19.62 -24.38 -6.91
N SER C 142 -19.21 -23.15 -6.60
CA SER C 142 -18.94 -22.14 -7.61
C SER C 142 -17.45 -21.90 -7.75
N ASP C 143 -17.08 -21.01 -8.66
CA ASP C 143 -15.68 -20.67 -8.88
C ASP C 143 -15.17 -19.87 -7.69
N VAL C 144 -14.06 -20.34 -7.10
CA VAL C 144 -13.50 -19.65 -5.94
C VAL C 144 -12.96 -18.29 -6.33
N ARG C 145 -12.41 -18.17 -7.54
CA ARG C 145 -11.81 -16.91 -7.97
C ARG C 145 -12.85 -15.80 -8.08
N LYS C 146 -14.03 -16.11 -8.61
CA LYS C 146 -15.05 -15.08 -8.78
C LYS C 146 -15.58 -14.60 -7.43
N ALA C 147 -15.97 -15.52 -6.56
CA ALA C 147 -16.48 -15.17 -5.25
C ALA C 147 -16.35 -16.37 -4.34
N ILE C 148 -16.39 -16.12 -3.03
CA ILE C 148 -16.31 -17.17 -2.02
C ILE C 148 -17.68 -17.32 -1.38
N VAL C 149 -18.25 -18.51 -1.47
CA VAL C 149 -19.60 -18.79 -0.99
C VAL C 149 -19.50 -19.59 0.30
N LEU C 150 -20.19 -19.13 1.34
CA LEU C 150 -20.20 -19.77 2.64
C LEU C 150 -21.64 -19.94 3.10
N ARG C 151 -21.87 -20.96 3.93
CA ARG C 151 -23.21 -21.26 4.42
C ARG C 151 -23.16 -21.34 5.93
N LEU C 152 -24.10 -20.64 6.59
CA LEU C 152 -24.25 -20.73 8.04
C LEU C 152 -25.39 -21.67 8.32
N GLY C 153 -25.07 -22.92 8.67
CA GLY C 153 -26.06 -23.95 8.84
C GLY C 153 -25.69 -24.94 9.90
N ARG C 154 -26.61 -25.88 10.14
CA ARG C 154 -26.42 -26.91 11.15
C ARG C 154 -25.87 -28.18 10.53
N GLU D 5 19.90 5.59 13.09
CA GLU D 5 19.74 6.92 13.67
C GLU D 5 19.27 7.89 12.59
N ASN D 6 20.19 8.66 12.01
CA ASN D 6 19.83 9.51 10.87
C ASN D 6 19.41 8.70 9.65
N PRO D 7 20.18 7.71 9.17
CA PRO D 7 19.76 7.00 7.96
C PRO D 7 18.45 6.26 8.11
N LEU D 8 18.21 5.66 9.28
CA LEU D 8 16.98 4.91 9.47
C LEU D 8 15.78 5.84 9.52
N PHE D 9 15.91 6.98 10.19
CA PHE D 9 14.85 7.98 10.19
C PHE D 9 14.59 8.50 8.78
N ASP D 10 15.65 8.73 8.01
CA ASP D 10 15.48 9.21 6.65
C ASP D 10 14.76 8.17 5.80
N TYR D 11 15.11 6.90 5.95
CA TYR D 11 14.44 5.84 5.19
C TYR D 11 12.97 5.75 5.56
N TYR D 12 12.66 5.83 6.86
CA TYR D 12 11.27 5.77 7.27
C TYR D 12 10.48 6.96 6.73
N ARG D 13 11.08 8.14 6.72
CA ARG D 13 10.39 9.31 6.21
C ARG D 13 10.17 9.23 4.70
N ASN D 14 11.17 8.73 3.96
CA ASN D 14 11.09 8.73 2.51
C ASN D 14 10.23 7.61 1.93
N ARG D 15 9.95 6.56 2.71
CA ARG D 15 9.24 5.40 2.21
C ARG D 15 7.87 5.24 2.83
N GLN D 16 7.34 6.29 3.46
CA GLN D 16 6.02 6.20 4.08
C GLN D 16 4.93 6.03 3.02
N ALA D 17 5.07 6.72 1.89
CA ALA D 17 4.16 6.54 0.78
C ALA D 17 4.47 5.24 0.04
N PRO D 18 3.47 4.58 -0.53
CA PRO D 18 3.72 3.30 -1.20
C PRO D 18 4.46 3.49 -2.53
N LEU D 19 5.01 2.38 -3.01
CA LEU D 19 5.74 2.40 -4.27
C LEU D 19 4.84 2.74 -5.45
N GLN D 20 3.54 2.49 -5.32
CA GLN D 20 2.63 2.72 -6.43
C GLN D 20 2.50 4.20 -6.77
N TRP D 21 2.65 5.08 -5.79
CA TRP D 21 2.35 6.49 -5.98
C TRP D 21 3.51 7.44 -5.72
N ARG D 22 4.65 6.94 -5.23
CA ARG D 22 5.75 7.84 -4.88
C ARG D 22 6.23 8.61 -6.11
N GLY D 23 6.54 7.90 -7.19
CA GLY D 23 7.05 8.57 -8.38
C GLY D 23 6.02 9.46 -9.04
N ALA D 24 4.77 9.00 -9.10
CA ALA D 24 3.72 9.81 -9.72
C ALA D 24 3.49 11.10 -8.96
N LEU D 25 3.44 11.02 -7.62
CA LEU D 25 3.22 12.22 -6.84
C LEU D 25 4.44 13.13 -6.87
N GLY D 26 5.65 12.57 -6.94
CA GLY D 26 6.82 13.41 -7.11
C GLY D 26 6.81 14.16 -8.42
N ALA D 27 6.41 13.48 -9.50
CA ALA D 27 6.31 14.15 -10.80
C ALA D 27 5.24 15.23 -10.77
N LEU D 28 4.09 14.95 -10.14
CA LEU D 28 3.04 15.96 -10.03
C LEU D 28 3.52 17.17 -9.25
N ALA D 29 4.25 16.94 -8.16
CA ALA D 29 4.80 18.05 -7.39
C ALA D 29 5.80 18.85 -8.20
N GLN D 30 6.62 18.16 -9.00
CA GLN D 30 7.57 18.86 -9.87
C GLN D 30 6.85 19.76 -10.86
N SER D 31 5.79 19.25 -11.48
CA SER D 31 5.03 20.06 -12.43
C SER D 31 4.37 21.25 -11.74
N LEU D 32 3.78 21.02 -10.56
CA LEU D 32 3.15 22.09 -9.81
C LEU D 32 4.15 23.18 -9.44
N THR D 33 5.35 22.78 -9.01
CA THR D 33 6.38 23.77 -8.71
C THR D 33 6.83 24.51 -9.97
N ASN D 34 6.87 23.82 -11.10
CA ASN D 34 7.25 24.48 -12.34
C ASN D 34 6.24 25.56 -12.74
N HIS D 35 4.95 25.28 -12.56
CA HIS D 35 3.96 26.25 -13.04
C HIS D 35 3.64 27.34 -12.01
N PHE D 36 3.47 26.98 -10.74
CA PHE D 36 2.95 27.91 -9.75
C PHE D 36 3.99 28.19 -8.67
N SER D 37 3.82 29.35 -8.03
CA SER D 37 4.65 29.77 -6.92
C SER D 37 4.25 29.05 -5.64
N PRO D 38 5.12 29.05 -4.62
CA PRO D 38 4.77 28.37 -3.37
C PRO D 38 3.51 28.90 -2.70
N GLU D 39 3.20 30.18 -2.81
CA GLU D 39 2.01 30.71 -2.15
C GLU D 39 0.74 30.19 -2.80
N GLN D 40 0.70 30.15 -4.14
CA GLN D 40 -0.45 29.57 -4.82
C GLN D 40 -0.60 28.10 -4.50
N LEU D 41 0.52 27.38 -4.41
CA LEU D 41 0.46 25.97 -4.03
C LEU D 41 -0.06 25.81 -2.61
N ARG D 42 0.32 26.71 -1.71
CA ARG D 42 -0.19 26.66 -0.35
C ARG D 42 -1.70 26.87 -0.33
N THR D 43 -2.19 27.83 -1.11
CA THR D 43 -3.64 28.04 -1.18
C THR D 43 -4.35 26.82 -1.74
N LEU D 44 -3.80 26.24 -2.80
CA LEU D 44 -4.39 25.04 -3.39
C LEU D 44 -4.45 23.89 -2.41
N LEU D 45 -3.35 23.64 -1.69
CA LEU D 45 -3.32 22.54 -0.74
C LEU D 45 -4.18 22.82 0.48
N ARG D 46 -4.32 24.08 0.88
CA ARG D 46 -5.22 24.41 1.98
C ARG D 46 -6.67 24.12 1.60
N GLU D 47 -7.07 24.48 0.38
CA GLU D 47 -8.44 24.16 -0.05
C GLU D 47 -8.62 22.65 -0.16
N ALA D 48 -7.58 21.94 -0.62
CA ALA D 48 -7.64 20.49 -0.65
C ALA D 48 -7.83 19.91 0.74
N GLY D 49 -7.12 20.44 1.72
CA GLY D 49 -7.30 19.98 3.08
C GLY D 49 -8.67 20.27 3.64
N GLN D 50 -9.23 21.43 3.27
CA GLN D 50 -10.60 21.73 3.68
C GLN D 50 -11.58 20.72 3.11
N HIS D 51 -11.42 20.38 1.83
CA HIS D 51 -12.29 19.37 1.23
C HIS D 51 -12.11 18.02 1.90
N PHE D 52 -10.86 17.65 2.22
CA PHE D 52 -10.61 16.39 2.90
C PHE D 52 -11.29 16.35 4.27
N ALA D 53 -11.20 17.44 5.02
CA ALA D 53 -11.85 17.49 6.32
C ALA D 53 -13.36 17.45 6.20
N SER D 54 -13.92 18.08 5.16
CA SER D 54 -15.35 17.99 4.94
C SER D 54 -15.78 16.57 4.62
N GLN D 55 -14.95 15.84 3.86
CA GLN D 55 -15.31 14.47 3.48
C GLN D 55 -15.16 13.50 4.65
N HIS D 56 -14.34 13.84 5.64
CA HIS D 56 -14.08 12.99 6.80
C HIS D 56 -14.34 13.80 8.06
N PRO D 57 -15.60 13.99 8.43
CA PRO D 57 -15.91 14.82 9.61
C PRO D 57 -15.49 14.14 10.91
N VAL D 58 -15.25 14.97 11.92
CA VAL D 58 -14.86 14.48 13.23
C VAL D 58 -16.10 14.41 14.12
N GLN D 59 -16.07 13.47 15.06
CA GLN D 59 -17.15 13.36 16.04
C GLN D 59 -17.13 14.57 16.97
N ALA D 60 -18.30 14.92 17.50
CA ALA D 60 -18.42 16.04 18.40
C ALA D 60 -17.57 15.82 19.65
N ALA D 61 -16.86 16.85 20.07
CA ALA D 61 -16.04 16.84 21.26
C ALA D 61 -16.30 18.11 22.06
N GLU D 62 -15.91 18.08 23.34
CA GLU D 62 -16.11 19.24 24.21
C GLU D 62 -14.80 19.68 24.84
N THR D 63 -13.94 18.72 25.18
CA THR D 63 -12.67 19.00 25.81
C THR D 63 -11.53 18.89 24.80
N VAL D 64 -10.36 19.38 25.20
CA VAL D 64 -9.18 19.33 24.33
C VAL D 64 -8.79 17.89 24.04
N GLN D 65 -8.79 17.04 25.08
CA GLN D 65 -8.39 15.65 24.89
C GLN D 65 -9.38 14.92 23.99
N SER D 66 -10.68 15.23 24.11
CA SER D 66 -11.67 14.60 23.24
C SER D 66 -11.48 15.03 21.79
N MET D 67 -11.15 16.30 21.57
CA MET D 67 -10.86 16.77 20.22
C MET D 67 -9.65 16.05 19.65
N GLN D 68 -8.60 15.90 20.46
CA GLN D 68 -7.42 15.16 20.04
C GLN D 68 -7.77 13.73 19.68
N ASP D 69 -8.60 13.09 20.51
CA ASP D 69 -8.99 11.71 20.26
C ASP D 69 -9.76 11.58 18.95
N ALA D 70 -10.67 12.51 18.69
CA ALA D 70 -11.45 12.47 17.45
C ALA D 70 -10.54 12.66 16.24
N MET D 71 -9.65 13.65 16.29
CA MET D 71 -8.76 13.88 15.16
C MET D 71 -7.84 12.70 14.92
N ASN D 72 -7.29 12.13 15.99
CA ASN D 72 -6.43 10.96 15.84
C ASN D 72 -7.21 9.74 15.34
N GLY D 73 -8.48 9.62 15.73
CA GLY D 73 -9.28 8.53 15.22
C GLY D 73 -9.53 8.65 13.73
N VAL D 74 -9.71 9.88 13.25
CA VAL D 74 -9.82 10.08 11.81
C VAL D 74 -8.49 9.77 11.12
N TRP D 75 -7.38 10.22 11.71
CA TRP D 75 -6.08 10.03 11.08
C TRP D 75 -5.70 8.56 11.01
N THR D 76 -5.96 7.80 12.08
CA THR D 76 -5.45 6.44 12.18
C THR D 76 -6.08 5.48 11.18
N THR D 77 -7.21 5.85 10.58
CA THR D 77 -7.83 5.00 9.58
C THR D 77 -7.18 5.15 8.21
N GLN D 78 -6.21 6.06 8.06
CA GLN D 78 -5.56 6.30 6.79
C GLN D 78 -4.04 6.37 6.91
N ASP D 79 -3.48 6.05 8.07
CA ASP D 79 -2.04 6.03 8.29
C ASP D 79 -1.41 7.38 7.95
N TRP D 80 -1.82 8.41 8.69
CA TRP D 80 -1.36 9.77 8.47
C TRP D 80 -0.79 10.40 9.74
N GLY D 81 -0.11 9.60 10.56
CA GLY D 81 0.50 10.15 11.76
C GLY D 81 -0.51 10.42 12.86
N TRP D 82 -0.15 11.33 13.76
CA TRP D 82 -1.05 11.67 14.86
C TRP D 82 -0.75 13.09 15.33
N VAL D 83 -1.73 13.67 16.03
CA VAL D 83 -1.67 15.05 16.45
C VAL D 83 -1.71 15.12 17.97
N ASP D 84 -0.90 16.01 18.54
CA ASP D 84 -0.91 16.32 19.96
C ASP D 84 -1.30 17.78 20.13
N ILE D 85 -2.29 18.04 20.98
CA ILE D 85 -2.84 19.38 21.16
C ILE D 85 -2.54 19.84 22.58
N HIS D 86 -1.93 21.02 22.69
CA HIS D 86 -1.60 21.62 23.98
C HIS D 86 -2.26 22.98 24.09
N ASP D 87 -2.83 23.28 25.25
CA ASP D 87 -3.53 24.54 25.49
C ASP D 87 -2.60 25.48 26.25
N LEU D 88 -1.89 26.32 25.51
CA LEU D 88 -0.97 27.29 26.13
C LEU D 88 -1.75 28.59 26.34
N ASP D 89 -2.04 28.90 27.60
CA ASP D 89 -2.79 30.09 27.96
C ASP D 89 -4.11 30.15 27.20
N SER D 90 -4.12 30.91 26.10
CA SER D 90 -5.33 31.12 25.32
C SER D 90 -5.33 30.38 23.99
N PHE D 91 -4.17 30.01 23.47
CA PHE D 91 -4.07 29.45 22.13
C PHE D 91 -3.75 27.96 22.17
N LEU D 92 -4.26 27.25 21.16
CA LEU D 92 -4.03 25.83 20.99
C LEU D 92 -2.87 25.62 20.04
N THR D 93 -1.91 24.80 20.45
CA THR D 93 -0.78 24.42 19.61
C THR D 93 -0.94 22.96 19.22
N LEU D 94 -0.93 22.69 17.93
CA LEU D 94 -1.13 21.36 17.38
C LEU D 94 0.18 20.89 16.75
N THR D 95 0.73 19.79 17.23
CA THR D 95 1.93 19.21 16.67
C THR D 95 1.56 17.90 15.98
N HIS D 96 1.81 17.83 14.68
CA HIS D 96 1.48 16.66 13.88
C HIS D 96 2.77 15.90 13.57
N TYR D 97 2.74 14.60 13.83
CA TYR D 97 3.85 13.71 13.59
C TYR D 97 3.50 12.68 12.52
N ALA D 98 4.49 12.35 11.70
CA ALA D 98 4.42 11.27 10.73
C ALA D 98 3.43 11.56 9.60
N ALA D 99 3.45 12.78 9.10
CA ALA D 99 2.66 13.11 7.93
C ALA D 99 3.35 12.56 6.68
N PRO D 100 2.66 11.79 5.84
CA PRO D 100 3.31 11.19 4.67
C PRO D 100 3.53 12.16 3.52
N LEU D 101 3.39 13.46 3.79
CA LEU D 101 3.55 14.45 2.75
C LEU D 101 4.98 14.46 2.20
N GLU D 102 5.97 14.33 3.08
CA GLU D 102 7.36 14.37 2.63
C GLU D 102 7.69 13.19 1.73
N SER D 103 7.17 12.01 2.06
CA SER D 103 7.46 10.84 1.24
C SER D 103 6.86 10.97 -0.16
N ALA D 104 5.73 11.68 -0.27
CA ALA D 104 5.06 11.78 -1.56
C ALA D 104 5.62 12.92 -2.40
N PHE D 105 5.56 14.14 -1.88
CA PHE D 105 5.93 15.32 -2.66
C PHE D 105 7.37 15.75 -2.47
N GLY D 106 8.14 15.04 -1.67
CA GLY D 106 9.53 15.40 -1.48
C GLY D 106 9.72 16.35 -0.32
N ALA D 107 10.90 16.28 0.30
CA ALA D 107 11.19 17.11 1.46
C ALA D 107 11.21 18.59 1.09
N GLN D 108 11.85 18.93 -0.04
CA GLN D 108 11.98 20.33 -0.43
C GLN D 108 10.65 21.00 -0.70
N ASN D 109 9.59 20.22 -0.90
CA ASN D 109 8.26 20.77 -1.14
C ASN D 109 7.44 20.92 0.13
N LEU D 110 8.00 20.53 1.29
CA LEU D 110 7.26 20.65 2.54
C LEU D 110 6.94 22.09 2.88
N ALA D 111 7.60 23.05 2.22
CA ALA D 111 7.27 24.45 2.43
C ALA D 111 5.83 24.75 2.04
N TRP D 112 5.24 23.98 1.12
CA TRP D 112 3.86 24.19 0.76
C TRP D 112 2.95 22.99 1.01
N SER D 113 3.47 21.77 0.90
CA SER D 113 2.63 20.59 1.11
C SER D 113 2.03 20.57 2.51
N ALA D 114 2.79 21.05 3.51
CA ALA D 114 2.28 21.09 4.87
C ALA D 114 1.02 21.92 5.00
N ALA D 115 0.80 22.85 4.07
CA ALA D 115 -0.42 23.65 4.11
C ALA D 115 -1.66 22.78 4.05
N PHE D 116 -1.53 21.57 3.47
CA PHE D 116 -2.63 20.63 3.46
C PHE D 116 -3.17 20.41 4.87
N LEU D 117 -2.28 20.15 5.82
CA LEU D 117 -2.72 19.97 7.20
C LEU D 117 -3.39 21.24 7.72
N GLU D 118 -2.82 22.40 7.36
CA GLU D 118 -3.42 23.67 7.77
C GLU D 118 -4.85 23.79 7.26
N GLY D 119 -5.14 23.17 6.12
CA GLY D 119 -6.49 23.21 5.61
C GLY D 119 -7.42 22.25 6.32
N VAL D 120 -6.88 21.16 6.86
CA VAL D 120 -7.73 20.15 7.49
C VAL D 120 -8.20 20.64 8.86
N TYR D 121 -7.25 20.87 9.77
CA TYR D 121 -7.59 21.19 11.14
C TYR D 121 -8.54 22.38 11.22
N GLU D 122 -8.25 23.42 10.44
CA GLU D 122 -9.14 24.57 10.32
C GLU D 122 -10.58 24.14 10.17
N GLN D 123 -10.87 23.38 9.11
CA GLN D 123 -12.25 22.95 8.86
C GLN D 123 -12.77 22.13 10.03
N TRP D 124 -11.92 21.25 10.58
CA TRP D 124 -12.35 20.44 11.71
C TRP D 124 -12.76 21.33 12.88
N PHE D 125 -12.00 22.40 13.14
CA PHE D 125 -12.38 23.32 14.20
C PHE D 125 -13.72 23.98 13.87
N ARG D 126 -13.93 24.31 12.59
CA ARG D 126 -15.22 24.87 12.19
C ARG D 126 -16.35 23.89 12.47
N GLN D 127 -16.07 22.59 12.44
CA GLN D 127 -17.09 21.60 12.73
C GLN D 127 -17.34 21.43 14.22
N LEU D 128 -16.45 21.92 15.07
CA LEU D 128 -16.57 21.75 16.50
C LEU D 128 -16.95 23.04 17.22
N GLY D 129 -17.51 24.00 16.50
CA GLY D 129 -18.00 25.22 17.11
C GLY D 129 -16.95 26.27 17.39
N ALA D 130 -15.77 26.16 16.79
CA ALA D 130 -14.75 27.18 16.97
C ALA D 130 -15.20 28.48 16.31
N SER D 131 -14.93 29.60 16.99
CA SER D 131 -15.33 30.90 16.48
C SER D 131 -14.63 31.20 15.16
N ASP D 132 -15.36 31.88 14.27
CA ASP D 132 -14.80 32.19 12.96
C ASP D 132 -13.62 33.14 13.06
N ALA D 133 -13.48 33.85 14.17
CA ALA D 133 -12.34 34.74 14.36
C ALA D 133 -11.04 33.97 14.49
N LEU D 134 -11.09 32.71 14.90
CA LEU D 134 -9.89 31.90 15.10
C LEU D 134 -9.52 31.19 13.81
N HIS D 135 -8.23 31.18 13.48
CA HIS D 135 -7.72 30.54 12.28
C HIS D 135 -6.49 29.72 12.63
N VAL D 136 -6.19 28.73 11.80
CA VAL D 136 -5.04 27.86 11.96
C VAL D 136 -3.93 28.35 11.04
N ARG D 137 -2.75 28.58 11.61
CA ARG D 137 -1.61 29.06 10.84
C ARG D 137 -0.38 28.22 11.20
N GLN D 138 0.47 28.00 10.21
CA GLN D 138 1.69 27.20 10.43
C GLN D 138 2.80 28.10 10.94
N SER D 139 3.40 27.71 12.05
CA SER D 139 4.48 28.47 12.66
C SER D 139 5.81 27.96 12.12
N GLU D 140 6.55 28.83 11.42
CA GLU D 140 7.84 28.47 10.85
C GLU D 140 8.93 28.72 11.90
N GLU D 141 8.95 27.84 12.90
CA GLU D 141 9.89 27.95 14.00
C GLU D 141 10.72 26.70 14.22
N SER D 142 10.13 25.51 14.05
CA SER D 142 10.81 24.26 14.28
C SER D 142 11.12 23.57 12.95
N ASP D 143 11.81 22.44 13.04
CA ASP D 143 12.14 21.66 11.85
C ASP D 143 10.87 21.03 11.28
N VAL D 144 10.63 21.25 9.99
CA VAL D 144 9.43 20.72 9.37
C VAL D 144 9.48 19.20 9.30
N ARG D 145 10.67 18.65 9.07
CA ARG D 145 10.79 17.20 8.89
C ARG D 145 10.42 16.45 10.16
N LYS D 146 10.85 16.94 11.33
CA LYS D 146 10.57 16.24 12.57
C LYS D 146 9.08 16.26 12.89
N ALA D 147 8.46 17.44 12.86
CA ALA D 147 7.04 17.55 13.14
C ALA D 147 6.54 18.86 12.54
N ILE D 148 5.22 18.94 12.36
CA ILE D 148 4.59 20.15 11.83
C ILE D 148 3.82 20.83 12.95
N VAL D 149 4.17 22.08 13.23
CA VAL D 149 3.61 22.82 14.35
C VAL D 149 2.64 23.87 13.79
N LEU D 150 1.41 23.86 14.30
CA LEU D 150 0.36 24.79 13.90
C LEU D 150 -0.21 25.46 15.14
N ARG D 151 -0.74 26.67 14.94
CA ARG D 151 -1.33 27.45 16.01
C ARG D 151 -2.74 27.84 15.62
N LEU D 152 -3.69 27.61 16.52
CA LEU D 152 -5.07 28.08 16.33
C LEU D 152 -5.23 29.37 17.14
N GLY D 153 -5.17 30.51 16.44
CA GLY D 153 -5.17 31.79 17.11
C GLY D 153 -5.89 32.84 16.32
N ARG D 154 -5.96 34.04 16.92
CA ARG D 154 -6.62 35.17 16.30
C ARG D 154 -5.62 36.07 15.58
#